data_4LJ1
#
_entry.id   4LJ1
#
_cell.length_a   80.247
_cell.length_b   30.752
_cell.length_c   61.921
_cell.angle_alpha   90.00
_cell.angle_beta   120.85
_cell.angle_gamma   90.00
#
_symmetry.space_group_name_H-M   'C 1 2 1'
#
loop_
_entity.id
_entity.type
_entity.pdbx_description
1 polymer 'Invasion-associated protein'
2 water water
#
_entity_poly.entity_id   1
_entity_poly.type   'polypeptide(L)'
_entity_poly.pdbx_seq_one_letter_code
;SMDYQQITDVVIARGLSQRGVPFSWAGGGISGPTRGTGTGINTVGFDASGLIQYAYAGAGLKLPRSSGQMYKVGQKVLPQ
QARKGDLIFYGPEGTQSVALYLGKGQMLEVGDVVQVSPVRTNGMTPYLVRVLGTQPTPVQQAPVQPA
;
_entity_poly.pdbx_strand_id   A
#
# COMPACT_ATOMS: atom_id res chain seq x y z
N TYR A 4 -0.72 -11.45 15.16
CA TYR A 4 -0.68 -10.44 14.06
C TYR A 4 0.71 -10.29 13.43
N GLN A 5 1.79 -10.64 14.13
CA GLN A 5 3.11 -10.66 13.49
C GLN A 5 3.09 -11.65 12.33
N GLN A 6 2.50 -12.81 12.57
CA GLN A 6 2.41 -13.85 11.55
CA GLN A 6 2.37 -13.87 11.56
C GLN A 6 1.63 -13.37 10.33
N ILE A 7 0.45 -12.81 10.56
CA ILE A 7 -0.40 -12.34 9.46
C ILE A 7 0.27 -11.18 8.72
N THR A 8 0.89 -10.28 9.47
CA THR A 8 1.62 -9.18 8.86
C THR A 8 2.72 -9.69 7.93
N ASP A 9 3.40 -10.75 8.34
CA ASP A 9 4.45 -11.36 7.51
C ASP A 9 3.86 -11.95 6.21
N VAL A 10 2.66 -12.50 6.28
CA VAL A 10 1.98 -13.00 5.07
C VAL A 10 1.68 -11.84 4.12
N VAL A 11 1.14 -10.75 4.65
CA VAL A 11 0.81 -9.59 3.84
C VAL A 11 2.06 -9.03 3.17
N ILE A 12 3.13 -8.91 3.94
CA ILE A 12 4.37 -8.40 3.40
C ILE A 12 4.95 -9.32 2.32
N ALA A 13 4.95 -10.63 2.59
CA ALA A 13 5.45 -11.57 1.60
C ALA A 13 4.64 -11.49 0.30
N ARG A 14 3.33 -11.33 0.40
CA ARG A 14 2.51 -11.18 -0.82
C ARG A 14 2.91 -9.94 -1.60
N GLY A 15 3.08 -8.80 -0.91
CA GLY A 15 3.57 -7.62 -1.60
C GLY A 15 4.91 -7.81 -2.28
N LEU A 16 5.87 -8.33 -1.51
CA LEU A 16 7.23 -8.54 -2.02
C LEU A 16 7.28 -9.49 -3.21
N SER A 17 6.36 -10.46 -3.28
CA SER A 17 6.31 -11.38 -4.40
C SER A 17 6.01 -10.68 -5.74
N GLN A 18 5.51 -9.46 -5.69
CA GLN A 18 5.15 -8.70 -6.89
C GLN A 18 6.21 -7.70 -7.33
N ARG A 19 7.38 -7.71 -6.69
CA ARG A 19 8.46 -6.83 -7.11
C ARG A 19 8.75 -7.00 -8.60
N GLY A 20 8.91 -5.87 -9.29
CA GLY A 20 9.20 -5.84 -10.71
C GLY A 20 7.96 -5.83 -11.60
N VAL A 21 6.77 -6.07 -11.06
CA VAL A 21 5.56 -5.96 -11.87
C VAL A 21 5.37 -4.51 -12.28
N PRO A 22 5.08 -4.23 -13.57
CA PRO A 22 4.94 -2.83 -13.99
C PRO A 22 3.78 -2.09 -13.40
N PHE A 23 3.96 -0.76 -13.32
CA PHE A 23 2.83 0.13 -13.12
C PHE A 23 1.81 -0.04 -14.24
N SER A 24 0.54 -0.01 -13.88
CA SER A 24 -0.54 0.06 -14.85
C SER A 24 -1.66 0.85 -14.21
N TRP A 25 -2.09 1.91 -14.89
CA TRP A 25 -3.16 2.78 -14.40
CA TRP A 25 -3.13 2.77 -14.34
C TRP A 25 -4.39 1.96 -14.09
N ALA A 26 -4.91 2.04 -12.87
CA ALA A 26 -6.11 1.30 -12.45
C ALA A 26 -5.91 -0.22 -12.52
N GLY A 27 -4.67 -0.67 -12.50
CA GLY A 27 -4.37 -2.09 -12.64
C GLY A 27 -4.33 -2.84 -11.31
N GLY A 28 -4.73 -4.10 -11.38
CA GLY A 28 -4.49 -5.03 -10.29
C GLY A 28 -5.51 -4.92 -9.18
N GLY A 29 -5.41 -5.85 -8.24
CA GLY A 29 -6.33 -5.92 -7.14
C GLY A 29 -6.18 -7.25 -6.46
N ILE A 30 -7.26 -7.74 -5.86
CA ILE A 30 -7.04 -8.97 -5.08
CA ILE A 30 -7.25 -9.00 -5.13
C ILE A 30 -6.74 -10.20 -5.97
N SER A 31 -6.97 -10.18 -7.28
CA SER A 31 -6.50 -11.29 -8.10
C SER A 31 -5.03 -11.24 -8.47
N GLY A 32 -4.35 -10.18 -8.07
CA GLY A 32 -2.99 -9.97 -8.51
C GLY A 32 -2.99 -8.85 -9.52
N PRO A 33 -1.91 -8.76 -10.30
CA PRO A 33 -1.84 -7.74 -11.34
C PRO A 33 -2.85 -8.03 -12.44
N THR A 34 -3.37 -7.00 -13.06
CA THR A 34 -4.30 -7.15 -14.17
C THR A 34 -4.07 -6.07 -15.19
N ARG A 35 -4.66 -6.22 -16.37
CA ARG A 35 -4.74 -5.14 -17.31
C ARG A 35 -5.35 -3.95 -16.60
N GLY A 36 -4.84 -2.77 -16.91
CA GLY A 36 -5.37 -1.54 -16.41
C GLY A 36 -6.36 -0.91 -17.39
N THR A 37 -6.60 0.38 -17.21
CA THR A 37 -7.42 1.17 -18.10
C THR A 37 -6.66 2.43 -18.50
N GLY A 38 -7.21 3.26 -19.39
CA GLY A 38 -6.41 4.39 -19.87
C GLY A 38 -5.11 3.90 -20.44
N THR A 39 -4.00 4.56 -20.09
CA THR A 39 -2.71 4.15 -20.63
C THR A 39 -2.29 2.74 -20.18
N GLY A 40 -2.95 2.21 -19.15
CA GLY A 40 -2.69 0.84 -18.68
C GLY A 40 -3.50 -0.24 -19.39
N ILE A 41 -4.26 0.12 -20.43
CA ILE A 41 -5.20 -0.80 -21.08
C ILE A 41 -4.55 -2.05 -21.63
N ASN A 42 -3.28 -1.98 -22.03
CA ASN A 42 -2.58 -3.16 -22.51
CA ASN A 42 -2.58 -3.17 -22.52
C ASN A 42 -1.42 -3.60 -21.64
N THR A 43 -1.42 -3.15 -20.37
CA THR A 43 -0.34 -3.49 -19.47
C THR A 43 -0.87 -4.24 -18.29
N VAL A 44 -0.34 -5.45 -18.05
CA VAL A 44 -0.69 -6.22 -16.87
C VAL A 44 0.18 -5.72 -15.71
N GLY A 45 -0.44 -5.13 -14.70
CA GLY A 45 0.31 -4.56 -13.64
C GLY A 45 -0.54 -4.11 -12.47
N PHE A 46 0.04 -3.18 -11.71
CA PHE A 46 -0.61 -2.59 -10.50
C PHE A 46 -0.51 -1.08 -10.52
N ASP A 47 -1.53 -0.46 -9.92
CA ASP A 47 -1.33 0.87 -9.35
C ASP A 47 -1.14 0.70 -7.83
N ALA A 48 -0.87 1.80 -7.13
CA ALA A 48 -0.51 1.71 -5.70
C ALA A 48 -1.63 1.04 -4.91
N SER A 49 -2.87 1.46 -5.16
CA SER A 49 -4.04 0.92 -4.48
CA SER A 49 -3.98 0.89 -4.38
C SER A 49 -4.22 -0.58 -4.74
N GLY A 50 -4.03 -0.97 -5.99
CA GLY A 50 -4.18 -2.35 -6.38
C GLY A 50 -3.18 -3.23 -5.65
N LEU A 51 -1.93 -2.77 -5.53
CA LEU A 51 -0.90 -3.55 -4.85
C LEU A 51 -1.28 -3.74 -3.38
N ILE A 52 -1.70 -2.66 -2.73
CA ILE A 52 -2.07 -2.74 -1.31
C ILE A 52 -3.26 -3.66 -1.10
N GLN A 53 -4.25 -3.58 -1.98
CA GLN A 53 -5.40 -4.52 -1.90
C GLN A 53 -4.94 -5.96 -2.03
N TYR A 54 -4.06 -6.22 -3.00
CA TYR A 54 -3.56 -7.58 -3.17
C TYR A 54 -2.86 -8.07 -1.90
N ALA A 55 -1.97 -7.25 -1.36
CA ALA A 55 -1.20 -7.66 -0.20
C ALA A 55 -2.13 -7.96 0.97
N TYR A 56 -3.03 -7.04 1.29
CA TYR A 56 -3.87 -7.17 2.48
C TYR A 56 -4.97 -8.22 2.34
N ALA A 57 -5.29 -8.68 1.11
CA ALA A 57 -6.19 -9.82 0.96
C ALA A 57 -5.56 -11.05 1.65
N GLY A 58 -4.26 -11.07 1.85
CA GLY A 58 -3.61 -12.17 2.62
C GLY A 58 -4.06 -12.28 4.06
N ALA A 59 -4.58 -11.19 4.60
CA ALA A 59 -5.13 -11.11 5.95
C ALA A 59 -6.65 -11.29 5.96
N GLY A 60 -7.23 -11.64 4.80
CA GLY A 60 -8.67 -11.83 4.68
C GLY A 60 -9.42 -10.51 4.63
N LEU A 61 -8.72 -9.43 4.33
CA LEU A 61 -9.28 -8.08 4.35
C LEU A 61 -9.48 -7.57 2.94
N LYS A 62 -10.54 -6.83 2.75
CA LYS A 62 -10.83 -6.20 1.48
C LYS A 62 -10.85 -4.70 1.64
N LEU A 63 -9.73 -4.05 1.36
CA LEU A 63 -9.61 -2.62 1.57
CA LEU A 63 -9.61 -2.61 1.57
C LEU A 63 -10.34 -1.82 0.48
N PRO A 64 -10.80 -0.61 0.82
CA PRO A 64 -11.37 0.22 -0.24
C PRO A 64 -10.30 0.61 -1.25
N ARG A 65 -10.70 0.96 -2.46
CA ARG A 65 -9.72 1.20 -3.51
C ARG A 65 -8.99 2.54 -3.37
N SER A 66 -9.68 3.62 -3.14
CA SER A 66 -8.94 4.86 -3.19
C SER A 66 -8.07 5.06 -1.94
N SER A 67 -6.87 5.60 -2.15
CA SER A 67 -5.99 5.85 -1.02
C SER A 67 -6.64 6.79 -0.02
N GLY A 68 -7.38 7.78 -0.49
CA GLY A 68 -8.04 8.70 0.42
C GLY A 68 -9.06 8.01 1.30
N GLN A 69 -9.74 7.01 0.76
CA GLN A 69 -10.74 6.29 1.56
C GLN A 69 -10.04 5.35 2.56
N MET A 70 -8.99 4.68 2.14
CA MET A 70 -8.18 3.89 3.07
C MET A 70 -7.71 4.75 4.24
N TYR A 71 -7.24 5.94 3.95
CA TYR A 71 -6.77 6.86 4.99
C TYR A 71 -7.89 7.32 5.95
N LYS A 72 -8.98 7.79 5.37
CA LYS A 72 -10.13 8.31 6.13
C LYS A 72 -10.54 7.35 7.20
N VAL A 73 -10.68 6.07 6.83
CA VAL A 73 -11.27 5.09 7.76
C VAL A 73 -10.27 4.40 8.68
N GLY A 74 -8.97 4.50 8.36
CA GLY A 74 -7.95 3.72 9.06
C GLY A 74 -7.56 4.27 10.44
N GLN A 75 -7.12 3.39 11.33
CA GLN A 75 -6.52 3.75 12.65
C GLN A 75 -5.25 4.53 12.40
N LYS A 76 -5.19 5.73 12.90
CA LYS A 76 -4.06 6.63 12.67
C LYS A 76 -2.93 6.36 13.64
N VAL A 77 -1.71 6.32 13.11
CA VAL A 77 -0.48 6.02 13.84
C VAL A 77 0.54 7.13 13.54
N LEU A 78 1.13 7.73 14.56
CA LEU A 78 2.22 8.68 14.36
C LEU A 78 3.48 7.98 13.86
N PRO A 79 4.29 8.65 13.05
CA PRO A 79 5.50 7.99 12.52
C PRO A 79 6.43 7.37 13.56
N GLN A 80 6.55 7.99 14.74
CA GLN A 80 7.42 7.44 15.76
C GLN A 80 6.93 6.14 16.38
N GLN A 81 5.69 5.77 16.05
CA GLN A 81 5.02 4.58 16.54
C GLN A 81 4.80 3.56 15.39
N ALA A 82 5.39 3.81 14.21
CA ALA A 82 5.18 2.96 13.03
C ALA A 82 5.67 1.55 13.25
N ARG A 83 5.00 0.61 12.60
CA ARG A 83 5.34 -0.82 12.63
C ARG A 83 5.25 -1.36 11.21
N LYS A 84 6.07 -2.35 10.89
CA LYS A 84 5.92 -2.99 9.61
C LYS A 84 4.48 -3.45 9.40
N GLY A 85 4.00 -3.28 8.17
CA GLY A 85 2.62 -3.54 7.81
C GLY A 85 1.73 -2.32 7.83
N ASP A 86 2.14 -1.26 8.52
CA ASP A 86 1.36 -0.03 8.50
C ASP A 86 1.40 0.54 7.06
N LEU A 87 0.40 1.32 6.73
CA LEU A 87 0.31 1.99 5.43
C LEU A 87 0.78 3.44 5.54
N ILE A 88 1.62 3.82 4.59
CA ILE A 88 2.13 5.18 4.42
C ILE A 88 1.33 5.84 3.31
N PHE A 89 0.99 7.10 3.49
CA PHE A 89 0.23 7.85 2.48
C PHE A 89 0.97 9.09 2.04
N TYR A 90 0.60 9.54 0.84
CA TYR A 90 1.01 10.82 0.30
C TYR A 90 -0.21 11.64 -0.04
N GLY A 91 -0.05 12.96 0.06
CA GLY A 91 -1.09 13.91 -0.25
C GLY A 91 -1.94 14.33 0.93
N PRO A 92 -2.72 15.39 0.76
CA PRO A 92 -3.63 15.81 1.82
C PRO A 92 -4.66 14.74 2.07
N GLU A 93 -4.79 14.34 3.33
CA GLU A 93 -5.70 13.27 3.73
C GLU A 93 -5.45 12.00 2.91
N GLY A 94 -4.20 11.78 2.52
CA GLY A 94 -3.82 10.54 1.87
C GLY A 94 -4.34 10.36 0.47
N THR A 95 -4.72 11.45 -0.20
CA THR A 95 -5.40 11.38 -1.47
C THR A 95 -4.52 11.20 -2.71
N GLN A 96 -3.19 11.27 -2.56
CA GLN A 96 -2.27 11.08 -3.71
C GLN A 96 -1.89 9.63 -3.93
N SER A 97 -1.39 8.94 -2.91
CA SER A 97 -0.91 7.56 -3.05
CA SER A 97 -1.03 7.53 -3.06
C SER A 97 -0.80 6.87 -1.71
N VAL A 98 -0.48 5.58 -1.77
CA VAL A 98 -0.30 4.71 -0.61
C VAL A 98 0.86 3.77 -0.85
N ALA A 99 1.55 3.38 0.21
CA ALA A 99 2.66 2.45 0.17
C ALA A 99 2.62 1.59 1.42
N LEU A 100 3.30 0.46 1.39
CA LEU A 100 3.30 -0.49 2.51
C LEU A 100 4.62 -0.34 3.28
N TYR A 101 4.54 0.03 4.57
CA TYR A 101 5.76 0.14 5.37
C TYR A 101 6.32 -1.24 5.69
N LEU A 102 7.62 -1.42 5.48
CA LEU A 102 8.27 -2.71 5.70
C LEU A 102 9.11 -2.76 6.97
N GLY A 103 9.15 -1.66 7.70
CA GLY A 103 10.07 -1.51 8.81
C GLY A 103 11.43 -1.04 8.34
N LYS A 104 12.26 -0.61 9.30
CA LYS A 104 13.64 -0.21 9.05
C LYS A 104 13.78 0.87 7.95
N GLY A 105 12.80 1.76 7.88
CA GLY A 105 12.88 2.90 6.98
C GLY A 105 12.63 2.58 5.52
N GLN A 106 12.04 1.42 5.21
CA GLN A 106 11.80 0.95 3.86
C GLN A 106 10.30 0.81 3.62
N MET A 107 9.89 1.04 2.36
CA MET A 107 8.51 0.85 1.96
C MET A 107 8.43 0.11 0.65
N LEU A 108 7.32 -0.58 0.42
CA LEU A 108 6.99 -1.19 -0.85
C LEU A 108 5.99 -0.24 -1.56
N GLU A 109 6.38 0.22 -2.73
CA GLU A 109 5.62 1.17 -3.50
C GLU A 109 5.49 0.74 -4.95
N VAL A 110 4.68 1.46 -5.71
CA VAL A 110 4.67 1.30 -7.15
C VAL A 110 5.26 2.55 -7.76
N GLY A 111 6.46 2.42 -8.32
CA GLY A 111 7.08 3.44 -9.16
C GLY A 111 6.81 3.09 -10.61
N ASP A 112 7.84 3.01 -11.43
CA ASP A 112 7.64 2.43 -12.76
C ASP A 112 7.31 0.93 -12.67
N VAL A 113 7.79 0.29 -11.60
CA VAL A 113 7.49 -1.09 -11.22
C VAL A 113 7.25 -1.13 -9.71
N VAL A 114 6.67 -2.22 -9.24
CA VAL A 114 6.58 -2.49 -7.82
C VAL A 114 8.01 -2.66 -7.28
N GLN A 115 8.34 -1.94 -6.21
CA GLN A 115 9.73 -1.89 -5.75
C GLN A 115 9.83 -1.47 -4.31
N VAL A 116 10.91 -1.91 -3.64
CA VAL A 116 11.26 -1.46 -2.31
C VAL A 116 12.11 -0.20 -2.45
N SER A 117 11.80 0.80 -1.64
CA SER A 117 12.49 2.10 -1.66
CA SER A 117 12.58 2.04 -1.64
C SER A 117 12.56 2.65 -0.24
N PRO A 118 13.56 3.48 0.09
CA PRO A 118 13.52 4.15 1.39
C PRO A 118 12.28 5.03 1.49
N VAL A 119 11.71 5.12 2.68
CA VAL A 119 10.59 6.00 2.90
C VAL A 119 10.99 7.45 2.58
N ARG A 120 10.12 8.19 1.90
CA ARG A 120 10.35 9.60 1.59
CA ARG A 120 10.36 9.59 1.63
C ARG A 120 9.34 10.43 2.39
N THR A 121 9.80 11.45 3.09
CA THR A 121 8.83 12.26 3.83
C THR A 121 8.28 13.41 2.99
N ASN A 122 8.86 13.68 1.82
CA ASN A 122 8.31 14.71 0.95
C ASN A 122 6.89 14.36 0.50
N GLY A 123 5.93 15.19 0.92
CA GLY A 123 4.53 15.00 0.57
C GLY A 123 3.82 13.95 1.42
N MET A 124 4.51 13.35 2.39
CA MET A 124 3.94 12.29 3.19
C MET A 124 2.85 12.84 4.09
N THR A 125 1.75 12.11 4.17
CA THR A 125 0.65 12.44 5.04
C THR A 125 1.11 12.26 6.50
N PRO A 126 0.65 13.09 7.46
CA PRO A 126 1.24 13.06 8.81
C PRO A 126 1.04 11.80 9.65
N TYR A 127 0.06 10.99 9.31
CA TYR A 127 -0.20 9.73 10.00
C TYR A 127 -0.05 8.57 9.03
N LEU A 128 0.42 7.42 9.54
CA LEU A 128 0.28 6.13 8.90
C LEU A 128 -1.06 5.55 9.32
N VAL A 129 -1.45 4.45 8.68
CA VAL A 129 -2.64 3.71 9.09
C VAL A 129 -2.25 2.31 9.49
N ARG A 130 -2.76 1.87 10.64
CA ARG A 130 -2.63 0.49 11.06
C ARG A 130 -3.91 -0.26 10.74
N VAL A 131 -3.78 -1.27 9.91
CA VAL A 131 -4.90 -2.03 9.41
C VAL A 131 -5.27 -3.16 10.37
N LEU A 132 -4.26 -3.86 10.88
CA LEU A 132 -4.52 -5.04 11.69
C LEU A 132 -4.66 -4.70 13.17
N GLY A 133 -5.64 -5.34 13.82
CA GLY A 133 -5.89 -5.16 15.23
C GLY A 133 -6.88 -4.04 15.46
N PRO A 143 -5.84 0.49 25.49
CA PRO A 143 -6.09 1.45 24.43
C PRO A 143 -4.98 1.47 23.39
N VAL A 144 -5.27 1.98 22.20
CA VAL A 144 -4.21 2.27 21.25
C VAL A 144 -3.61 3.63 21.61
N GLN A 145 -2.48 3.93 20.97
CA GLN A 145 -1.83 5.20 21.15
C GLN A 145 -2.68 6.37 20.68
N PRO A 146 -2.75 7.45 21.49
CA PRO A 146 -3.42 8.67 21.04
C PRO A 146 -2.94 9.18 19.68
N ALA A 147 -3.86 9.75 18.91
CA ALA A 147 -3.49 10.45 17.67
C ALA A 147 -2.83 11.80 18.00
#